data_6NF0
#
_entry.id   6NF0
#
_cell.length_a   62.888
_cell.length_b   62.888
_cell.length_c   153.597
_cell.angle_alpha   90.00
_cell.angle_beta   90.00
_cell.angle_gamma   90.00
#
_symmetry.space_group_name_H-M   'P 41 21 2'
#
loop_
_entity.id
_entity.type
_entity.pdbx_description
1 polymer Nocturnin
2 non-polymer 'CALCIUM ION'
3 non-polymer 'NADPH DIHYDRO-NICOTINAMIDE-ADENINE-DINUCLEOTIDE PHOSPHATE'
4 water water
#
_entity_poly.entity_id   1
_entity_poly.type   'polypeptide(L)'
_entity_poly.pdbx_seq_one_letter_code
;GPPPRFQRDFVDLRTDCPSTHPPIRVMQWNILAQALGEGKDNFVQCPVEALKWEERKCLILEEILAYQPDILCLQEVDHY
FDTFQPLLSRLGYQGTFFPKPWSPCLDVEHNNGPDGCALFFLQNRFKLVNSANIRLTAMTLKTNQVAIAQTLECKESGRQ
FCIAVTHLKARTGWERFRSAQGCDLLQNLQNITQGAKIPLIVCGDFNAEPTEEVYKHFASSSLNLNSAYKLLSADGQSEP
PYTTWKIRTSGECRHTLDYIWYSKHALNVRSALDLLTEEQIGPNRLPSFNYPSDHLSLVCDFSFTEESDGLS
;
_entity_poly.pdbx_strand_id   A
#
# COMPACT_ATOMS: atom_id res chain seq x y z
N GLY A 1 -4.13 -7.33 24.23
CA GLY A 1 -2.99 -6.43 24.37
C GLY A 1 -3.24 -5.05 23.78
N PRO A 2 -2.20 -4.22 23.77
CA PRO A 2 -2.34 -2.86 23.25
C PRO A 2 -2.42 -2.85 21.73
N PRO A 3 -2.97 -1.79 21.15
CA PRO A 3 -2.95 -1.60 19.68
C PRO A 3 -1.55 -1.74 19.12
N PRO A 4 -1.41 -2.41 17.97
CA PRO A 4 -0.08 -2.53 17.33
C PRO A 4 0.65 -1.20 17.13
N ARG A 5 -0.07 -0.09 16.94
CA ARG A 5 0.59 1.19 16.71
C ARG A 5 1.39 1.65 17.92
N PHE A 6 1.18 1.03 19.08
CA PHE A 6 1.95 1.26 20.29
C PHE A 6 3.10 0.29 20.46
N GLN A 7 3.25 -0.69 19.57
CA GLN A 7 4.26 -1.73 19.68
C GLN A 7 5.34 -1.62 18.62
N ARG A 8 5.00 -1.15 17.42
CA ARG A 8 5.94 -1.11 16.31
C ARG A 8 6.86 0.10 16.46
N ASP A 9 8.14 -0.08 16.17
CA ASP A 9 9.14 0.98 16.31
C ASP A 9 9.77 1.32 14.97
N PHE A 10 10.17 2.58 14.83
CA PHE A 10 10.96 3.01 13.67
C PHE A 10 12.43 2.66 13.82
N VAL A 11 12.97 1.96 12.83
CA VAL A 11 14.40 1.67 12.75
C VAL A 11 15.11 2.83 12.06
N ASP A 12 16.15 3.35 12.71
CA ASP A 12 16.90 4.48 12.15
C ASP A 12 17.89 3.95 11.10
N LEU A 13 17.70 4.36 9.86
CA LEU A 13 18.51 3.81 8.76
C LEU A 13 19.43 4.88 8.16
N PRO A 22 14.18 17.86 6.05
CA PRO A 22 12.76 17.86 5.65
C PRO A 22 12.32 16.55 5.01
N PRO A 23 12.30 15.47 5.79
CA PRO A 23 11.99 14.14 5.25
C PRO A 23 10.56 14.02 4.76
N ILE A 24 10.36 13.11 3.80
CA ILE A 24 9.04 12.80 3.26
C ILE A 24 8.68 11.40 3.73
N ARG A 25 7.60 11.30 4.50
CA ARG A 25 7.12 10.04 5.04
C ARG A 25 6.05 9.44 4.13
N VAL A 26 6.26 8.20 3.69
CA VAL A 26 5.33 7.49 2.83
C VAL A 26 4.75 6.32 3.59
N MET A 27 3.42 6.18 3.54
CA MET A 27 2.72 5.07 4.17
C MET A 27 1.98 4.24 3.12
N GLN A 28 2.22 2.94 3.12
CA GLN A 28 1.58 1.98 2.22
C GLN A 28 0.69 1.06 3.05
N TRP A 29 -0.57 0.92 2.65
CA TRP A 29 -1.47 0.08 3.47
C TRP A 29 -2.62 -0.47 2.65
N ASN A 30 -2.76 -1.80 2.61
CA ASN A 30 -3.98 -2.45 2.19
C ASN A 30 -4.90 -2.46 3.40
N ILE A 31 -5.95 -1.64 3.39
CA ILE A 31 -6.71 -1.40 4.62
C ILE A 31 -7.84 -2.40 4.84
N LEU A 32 -8.07 -3.33 3.90
CA LEU A 32 -9.14 -4.33 4.00
C LEU A 32 -10.50 -3.70 3.74
N ALA A 33 -11.08 -3.98 2.58
CA ALA A 33 -12.38 -3.40 2.24
C ALA A 33 -13.44 -3.91 3.22
N GLN A 34 -14.33 -3.00 3.63
CA GLN A 34 -15.39 -3.35 4.58
C GLN A 34 -16.26 -4.49 4.05
N ALA A 35 -16.67 -4.41 2.79
CA ALA A 35 -17.56 -5.44 2.24
C ALA A 35 -16.86 -6.78 2.18
N LEU A 36 -15.55 -6.80 1.90
CA LEU A 36 -14.81 -8.05 1.79
C LEU A 36 -14.54 -8.64 3.16
N GLY A 37 -14.22 -7.79 4.15
CA GLY A 37 -13.96 -8.29 5.49
C GLY A 37 -15.15 -9.02 6.09
N GLU A 38 -16.37 -8.56 5.80
CA GLU A 38 -17.56 -9.17 6.36
C GLU A 38 -18.15 -10.27 5.49
N GLY A 39 -17.95 -10.23 4.17
CA GLY A 39 -18.65 -11.15 3.29
C GLY A 39 -17.87 -12.19 2.53
N LYS A 40 -16.56 -12.03 2.37
CA LYS A 40 -15.83 -12.95 1.51
C LYS A 40 -14.60 -13.61 2.15
N ASP A 41 -13.88 -12.88 3.00
CA ASP A 41 -12.57 -13.36 3.46
C ASP A 41 -12.67 -14.56 4.41
N ASN A 42 -13.79 -14.72 5.12
CA ASN A 42 -13.98 -15.85 6.03
C ASN A 42 -12.86 -15.94 7.08
N PHE A 43 -12.68 -14.85 7.83
CA PHE A 43 -11.71 -14.81 8.92
C PHE A 43 -12.25 -15.61 10.09
N VAL A 44 -11.98 -16.92 10.10
CA VAL A 44 -12.67 -17.82 11.02
C VAL A 44 -12.31 -17.59 12.49
N GLN A 45 -11.19 -16.93 12.78
CA GLN A 45 -10.83 -16.71 14.18
C GLN A 45 -10.87 -15.25 14.57
N CYS A 46 -11.33 -14.36 13.70
CA CYS A 46 -11.48 -13.00 14.17
C CYS A 46 -12.93 -12.79 14.57
N PRO A 47 -13.21 -12.28 15.78
CA PRO A 47 -14.61 -12.04 16.16
C PRO A 47 -15.30 -11.13 15.17
N VAL A 48 -16.60 -11.39 14.96
CA VAL A 48 -17.35 -10.60 13.98
C VAL A 48 -17.54 -9.17 14.47
N GLU A 49 -17.56 -8.96 15.79
CA GLU A 49 -17.79 -7.62 16.33
C GLU A 49 -16.60 -6.70 16.05
N ALA A 50 -15.40 -7.26 15.89
CA ALA A 50 -14.22 -6.46 15.58
C ALA A 50 -14.19 -5.99 14.12
N LEU A 51 -15.05 -6.56 13.27
CA LEU A 51 -15.10 -6.25 11.85
C LEU A 51 -16.15 -5.20 11.50
N LYS A 52 -16.91 -4.73 12.49
CA LYS A 52 -17.94 -3.72 12.27
C LYS A 52 -17.30 -2.45 11.71
N TRP A 53 -17.98 -1.83 10.74
CA TRP A 53 -17.41 -0.67 10.05
C TRP A 53 -17.08 0.45 11.04
N GLU A 54 -17.98 0.72 11.98
CA GLU A 54 -17.72 1.83 12.90
C GLU A 54 -16.42 1.60 13.67
N GLU A 55 -16.15 0.35 14.06
CA GLU A 55 -14.93 0.06 14.80
C GLU A 55 -13.70 0.11 13.89
N ARG A 56 -13.82 -0.43 12.69
CA ARG A 56 -12.71 -0.44 11.73
C ARG A 56 -12.37 0.97 11.28
N LYS A 57 -13.39 1.77 10.95
CA LYS A 57 -13.19 3.15 10.51
C LYS A 57 -12.32 3.90 11.51
N CYS A 58 -12.64 3.77 12.79
CA CYS A 58 -11.89 4.48 13.82
C CYS A 58 -10.46 3.97 13.92
N LEU A 59 -10.25 2.66 13.77
CA LEU A 59 -8.91 2.10 13.89
C LEU A 59 -8.01 2.50 12.72
N ILE A 60 -8.58 2.61 11.52
CA ILE A 60 -7.79 3.01 10.35
C ILE A 60 -7.32 4.45 10.49
N LEU A 61 -8.23 5.35 10.88
CA LEU A 61 -7.86 6.74 11.09
C LEU A 61 -6.80 6.88 12.17
N GLU A 62 -6.90 6.08 13.24
CA GLU A 62 -5.92 6.17 14.31
C GLU A 62 -4.53 5.83 13.81
N GLU A 63 -4.43 4.82 12.94
CA GLU A 63 -3.14 4.46 12.35
C GLU A 63 -2.54 5.62 11.56
N ILE A 64 -3.36 6.26 10.73
CA ILE A 64 -2.91 7.41 9.94
C ILE A 64 -2.52 8.58 10.83
N LEU A 65 -3.30 8.85 11.88
CA LEU A 65 -2.96 9.90 12.83
C LEU A 65 -1.68 9.60 13.60
N ALA A 66 -1.42 8.33 13.89
CA ALA A 66 -0.22 7.97 14.64
C ALA A 66 1.06 8.30 13.87
N TYR A 67 1.07 8.07 12.56
CA TYR A 67 2.29 8.20 11.79
C TYR A 67 2.42 9.52 11.01
N GLN A 68 1.37 10.33 10.95
CA GLN A 68 1.42 11.65 10.35
C GLN A 68 2.13 11.66 8.99
N PRO A 69 1.74 10.78 8.07
CA PRO A 69 2.48 10.67 6.79
C PRO A 69 2.29 11.88 5.90
N ASP A 70 3.31 12.15 5.08
CA ASP A 70 3.16 13.14 4.01
C ASP A 70 2.44 12.57 2.81
N ILE A 71 2.55 11.26 2.57
CA ILE A 71 1.96 10.59 1.43
C ILE A 71 1.34 9.28 1.91
N LEU A 72 0.10 9.03 1.51
CA LEU A 72 -0.63 7.83 1.94
C LEU A 72 -1.13 7.08 0.72
N CYS A 73 -0.71 5.83 0.59
CA CYS A 73 -1.05 4.97 -0.55
C CYS A 73 -1.85 3.79 -0.03
N LEU A 74 -3.10 3.68 -0.48
CA LEU A 74 -4.04 2.72 0.08
C LEU A 74 -4.62 1.83 -1.02
N GLN A 75 -4.88 0.57 -0.65
CA GLN A 75 -5.66 -0.34 -1.46
C GLN A 75 -6.91 -0.80 -0.70
N GLU A 76 -7.86 -1.36 -1.46
CA GLU A 76 -9.11 -1.90 -0.92
C GLU A 76 -9.95 -0.83 -0.21
N VAL A 77 -9.98 0.38 -0.77
CA VAL A 77 -10.73 1.48 -0.18
C VAL A 77 -12.14 1.47 -0.77
N ASP A 78 -13.12 1.04 0.04
CA ASP A 78 -14.52 1.07 -0.39
C ASP A 78 -15.33 2.11 0.36
N HIS A 79 -14.68 2.93 1.19
CA HIS A 79 -15.32 4.02 1.92
C HIS A 79 -14.58 5.33 1.65
N TYR A 80 -14.10 5.53 0.42
CA TYR A 80 -13.40 6.76 0.08
C TYR A 80 -14.30 7.99 0.22
N PHE A 81 -15.47 7.97 -0.43
CA PHE A 81 -16.27 9.19 -0.53
C PHE A 81 -17.01 9.53 0.76
N ASP A 82 -17.40 8.53 1.54
CA ASP A 82 -18.14 8.77 2.77
C ASP A 82 -17.23 8.98 3.98
N THR A 83 -15.99 8.50 3.94
CA THR A 83 -15.17 8.54 5.13
C THR A 83 -13.79 9.14 4.91
N PHE A 84 -12.95 8.47 4.13
CA PHE A 84 -11.54 8.85 4.13
C PHE A 84 -11.29 10.17 3.40
N GLN A 85 -11.94 10.38 2.26
CA GLN A 85 -11.74 11.65 1.57
C GLN A 85 -12.15 12.85 2.42
N PRO A 86 -13.37 12.93 2.97
CA PRO A 86 -13.71 14.12 3.76
C PRO A 86 -12.89 14.26 5.03
N LEU A 87 -12.68 13.17 5.78
CA LEU A 87 -11.97 13.29 7.05
C LEU A 87 -10.50 13.65 6.85
N LEU A 88 -9.85 13.04 5.86
CA LEU A 88 -8.44 13.34 5.65
C LEU A 88 -8.27 14.72 5.01
N SER A 89 -9.28 15.18 4.27
CA SER A 89 -9.27 16.54 3.74
C SER A 89 -9.20 17.57 4.87
N ARG A 90 -9.93 17.33 5.95
CA ARG A 90 -9.93 18.23 7.09
C ARG A 90 -8.57 18.25 7.80
N LEU A 91 -7.74 17.24 7.56
CA LEU A 91 -6.41 17.13 8.12
C LEU A 91 -5.35 17.61 7.14
N GLY A 92 -5.76 18.16 6.00
CA GLY A 92 -4.85 18.76 5.05
C GLY A 92 -4.41 17.88 3.89
N TYR A 93 -5.04 16.72 3.67
CA TYR A 93 -4.68 15.85 2.57
C TYR A 93 -5.57 16.08 1.36
N GLN A 94 -4.94 16.16 0.19
CA GLN A 94 -5.62 16.10 -1.09
C GLN A 94 -5.74 14.62 -1.47
N GLY A 95 -6.92 14.19 -1.91
CA GLY A 95 -7.13 12.80 -2.28
C GLY A 95 -7.49 12.56 -3.73
N THR A 96 -7.15 11.35 -4.20
CA THR A 96 -7.52 10.82 -5.50
C THR A 96 -7.95 9.36 -5.30
N PHE A 97 -9.06 8.98 -5.93
CA PHE A 97 -9.56 7.62 -5.84
C PHE A 97 -9.79 7.05 -7.22
N PHE A 98 -9.38 5.80 -7.40
CA PHE A 98 -9.61 5.16 -8.69
C PHE A 98 -10.10 3.73 -8.44
N PRO A 99 -11.35 3.45 -8.75
CA PRO A 99 -11.93 2.13 -8.45
C PRO A 99 -11.52 1.06 -9.46
N LYS A 100 -11.50 -0.18 -8.97
CA LYS A 100 -11.47 -1.32 -9.87
C LYS A 100 -12.72 -1.29 -10.75
N PRO A 101 -12.61 -1.63 -12.03
CA PRO A 101 -13.80 -1.57 -12.89
C PRO A 101 -14.91 -2.54 -12.47
N TRP A 102 -14.56 -3.74 -11.99
CA TRP A 102 -15.54 -4.74 -11.53
C TRP A 102 -15.15 -5.19 -10.12
N SER A 103 -15.29 -4.29 -9.13
CA SER A 103 -14.86 -4.60 -7.78
C SER A 103 -15.61 -5.80 -7.20
N PRO A 104 -14.91 -6.71 -6.51
CA PRO A 104 -15.57 -7.83 -5.83
C PRO A 104 -16.50 -7.39 -4.70
N CYS A 105 -16.40 -6.15 -4.24
CA CYS A 105 -17.27 -5.67 -3.17
C CYS A 105 -18.74 -5.69 -3.59
N LEU A 106 -18.99 -5.58 -4.89
CA LEU A 106 -20.33 -5.48 -5.45
C LEU A 106 -21.08 -6.80 -5.35
N ASP A 107 -20.39 -7.88 -4.96
CA ASP A 107 -20.95 -9.21 -4.75
C ASP A 107 -21.61 -9.36 -3.39
N VAL A 108 -21.50 -8.35 -2.52
CA VAL A 108 -21.98 -8.40 -1.15
C VAL A 108 -23.31 -7.64 -1.19
N GLU A 109 -24.35 -8.21 -0.58
CA GLU A 109 -25.67 -7.60 -0.55
C GLU A 109 -25.80 -6.25 0.14
N HIS A 110 -24.87 -5.88 1.03
CA HIS A 110 -24.96 -4.59 1.73
C HIS A 110 -23.63 -3.85 1.73
N ASN A 111 -22.88 -4.00 0.66
CA ASN A 111 -21.62 -3.31 0.45
C ASN A 111 -21.84 -1.81 0.23
N ASN A 112 -20.74 -1.07 0.26
CA ASN A 112 -20.72 0.37 0.11
C ASN A 112 -20.12 0.81 -1.23
N GLY A 113 -20.25 -0.04 -2.26
CA GLY A 113 -19.68 0.25 -3.56
C GLY A 113 -18.32 -0.37 -3.81
N PRO A 114 -17.71 -0.01 -4.94
CA PRO A 114 -16.44 -0.63 -5.34
C PRO A 114 -15.28 -0.19 -4.46
N ASP A 115 -14.33 -1.11 -4.29
CA ASP A 115 -13.04 -0.73 -3.74
C ASP A 115 -12.08 -0.33 -4.85
N GLY A 116 -10.97 0.28 -4.44
CA GLY A 116 -9.95 0.68 -5.38
C GLY A 116 -8.75 1.25 -4.66
N CYS A 117 -7.88 1.90 -5.43
CA CYS A 117 -6.70 2.56 -4.87
C CYS A 117 -7.02 4.01 -4.52
N ALA A 118 -6.34 4.51 -3.48
CA ALA A 118 -6.39 5.93 -3.13
C ALA A 118 -4.97 6.45 -2.90
N LEU A 119 -4.76 7.72 -3.25
CA LEU A 119 -3.50 8.40 -3.02
C LEU A 119 -3.77 9.73 -2.34
N PHE A 120 -3.23 9.91 -1.15
CA PHE A 120 -3.35 11.16 -0.41
C PHE A 120 -1.99 11.81 -0.23
N PHE A 121 -1.94 13.14 -0.32
CA PHE A 121 -0.75 13.90 0.02
C PHE A 121 -1.13 15.19 0.73
N LEU A 122 -0.22 15.67 1.58
CA LEU A 122 -0.40 16.91 2.32
C LEU A 122 -0.30 18.11 1.38
N GLN A 123 -1.40 18.86 1.23
CA GLN A 123 -1.42 19.99 0.30
C GLN A 123 -0.36 21.03 0.63
N ASN A 124 -0.09 21.27 1.92
CA ASN A 124 0.84 22.32 2.29
C ASN A 124 2.29 21.94 2.04
N ARG A 125 2.57 20.69 1.71
CA ARG A 125 3.92 20.22 1.40
C ARG A 125 4.17 20.11 -0.09
N PHE A 126 3.15 19.77 -0.88
CA PHE A 126 3.38 19.42 -2.29
C PHE A 126 2.34 20.10 -3.17
N LYS A 127 2.78 20.45 -4.38
CA LYS A 127 1.91 20.83 -5.47
C LYS A 127 1.73 19.66 -6.42
N LEU A 128 0.49 19.44 -6.88
CA LEU A 128 0.24 18.39 -7.85
C LEU A 128 0.61 18.86 -9.25
N VAL A 129 1.48 18.11 -9.90
CA VAL A 129 1.97 18.47 -11.24
C VAL A 129 1.21 17.73 -12.32
N ASN A 130 1.04 16.41 -12.17
CA ASN A 130 0.19 15.65 -13.07
C ASN A 130 -0.31 14.40 -12.36
N SER A 131 -1.33 13.78 -12.94
CA SER A 131 -1.97 12.62 -12.33
C SER A 131 -2.48 11.72 -13.46
N ALA A 132 -2.41 10.41 -13.23
CA ALA A 132 -2.89 9.44 -14.20
C ALA A 132 -3.60 8.31 -13.49
N ASN A 133 -4.80 7.99 -13.94
CA ASN A 133 -5.52 6.81 -13.49
C ASN A 133 -5.30 5.75 -14.56
N ILE A 134 -4.51 4.73 -14.22
CA ILE A 134 -4.03 3.73 -15.17
C ILE A 134 -4.79 2.43 -14.95
N ARG A 135 -5.53 1.99 -15.96
CA ARG A 135 -6.08 0.64 -15.90
C ARG A 135 -5.03 -0.32 -16.41
N LEU A 136 -4.58 -1.22 -15.54
CA LEU A 136 -3.47 -2.09 -15.91
C LEU A 136 -3.91 -3.08 -16.97
N THR A 137 -3.05 -3.32 -17.95
CA THR A 137 -3.31 -4.33 -18.96
C THR A 137 -2.30 -5.46 -18.83
N ALA A 138 -2.68 -6.64 -19.29
CA ALA A 138 -1.78 -7.79 -19.32
C ALA A 138 -1.66 -8.23 -20.78
N MET A 139 -0.54 -7.90 -21.41
CA MET A 139 -0.34 -8.14 -22.84
C MET A 139 -1.54 -7.67 -23.67
N THR A 140 -1.98 -6.44 -23.41
CA THR A 140 -3.08 -5.70 -23.99
C THR A 140 -4.46 -6.12 -23.47
N LEU A 141 -4.58 -7.24 -22.75
CA LEU A 141 -5.85 -7.58 -22.12
C LEU A 141 -6.17 -6.58 -21.01
N LYS A 142 -7.38 -6.01 -21.05
CA LYS A 142 -7.78 -5.09 -20.00
C LYS A 142 -8.11 -5.84 -18.72
N THR A 143 -7.41 -5.54 -17.63
CA THR A 143 -7.60 -6.28 -16.39
C THR A 143 -8.53 -5.53 -15.45
N ASN A 144 -8.77 -6.13 -14.29
CA ASN A 144 -9.60 -5.56 -13.24
C ASN A 144 -8.80 -4.80 -12.19
N GLN A 145 -7.51 -4.54 -12.44
CA GLN A 145 -6.66 -3.88 -11.47
C GLN A 145 -6.18 -2.55 -12.02
N VAL A 146 -5.83 -1.65 -11.11
CA VAL A 146 -5.60 -0.25 -11.44
C VAL A 146 -4.37 0.29 -10.71
N ALA A 147 -3.89 1.43 -11.19
CA ALA A 147 -2.85 2.18 -10.52
C ALA A 147 -3.14 3.66 -10.65
N ILE A 148 -2.64 4.44 -9.69
CA ILE A 148 -2.62 5.90 -9.76
C ILE A 148 -1.17 6.35 -9.71
N ALA A 149 -0.79 7.24 -10.62
CA ALA A 149 0.56 7.80 -10.63
C ALA A 149 0.46 9.31 -10.67
N GLN A 150 1.08 9.98 -9.70
CA GLN A 150 1.04 11.43 -9.61
C GLN A 150 2.44 11.98 -9.49
N THR A 151 2.71 13.07 -10.21
CA THR A 151 3.93 13.84 -10.03
C THR A 151 3.64 14.97 -9.06
N LEU A 152 4.46 15.06 -8.01
CA LEU A 152 4.30 16.11 -7.02
C LEU A 152 5.54 17.00 -7.04
N GLU A 153 5.36 18.23 -6.59
CA GLU A 153 6.46 19.18 -6.48
C GLU A 153 6.52 19.69 -5.05
N CYS A 154 7.68 19.51 -4.41
CA CYS A 154 7.88 20.02 -3.06
C CYS A 154 7.81 21.54 -3.05
N LYS A 155 6.93 22.09 -2.21
CA LYS A 155 6.71 23.52 -2.18
C LYS A 155 7.84 24.28 -1.49
N GLU A 156 8.74 23.59 -0.78
CA GLU A 156 9.87 24.26 -0.13
C GLU A 156 11.13 24.23 -0.98
N SER A 157 11.39 23.11 -1.65
CA SER A 157 12.63 22.89 -2.39
C SER A 157 12.45 22.98 -3.90
N GLY A 158 11.24 22.72 -4.39
CA GLY A 158 10.98 22.69 -5.81
C GLY A 158 11.26 21.35 -6.45
N ARG A 159 11.71 20.36 -5.67
CA ARG A 159 12.03 19.05 -6.20
C ARG A 159 10.75 18.32 -6.58
N GLN A 160 10.73 17.77 -7.79
CA GLN A 160 9.62 16.95 -8.26
C GLN A 160 9.92 15.47 -8.07
N PHE A 161 8.86 14.70 -7.83
CA PHE A 161 9.00 13.25 -7.71
C PHE A 161 7.66 12.62 -8.07
N CYS A 162 7.70 11.32 -8.40
CA CYS A 162 6.51 10.57 -8.76
C CYS A 162 6.19 9.56 -7.68
N ILE A 163 4.92 9.52 -7.27
CA ILE A 163 4.40 8.54 -6.33
C ILE A 163 3.33 7.72 -7.04
N ALA A 164 3.42 6.39 -6.92
CA ALA A 164 2.43 5.51 -7.52
C ALA A 164 1.94 4.50 -6.50
N VAL A 165 0.67 4.11 -6.63
CA VAL A 165 0.05 3.09 -5.79
C VAL A 165 -0.66 2.09 -6.71
N THR A 166 -0.58 0.80 -6.37
CA THR A 166 -1.28 -0.22 -7.16
C THR A 166 -1.72 -1.38 -6.27
N HIS A 167 -2.58 -2.23 -6.85
CA HIS A 167 -3.07 -3.46 -6.22
C HIS A 167 -3.18 -4.53 -7.29
N LEU A 168 -2.28 -5.52 -7.28
CA LEU A 168 -2.27 -6.50 -8.35
C LEU A 168 -3.24 -7.65 -8.07
N LYS A 169 -3.48 -8.47 -9.11
CA LYS A 169 -4.37 -9.62 -9.01
C LYS A 169 -3.93 -10.56 -7.89
N ALA A 170 -4.87 -11.01 -7.08
CA ALA A 170 -4.59 -11.89 -5.95
C ALA A 170 -4.64 -13.36 -6.33
N ARG A 171 -4.06 -14.19 -5.44
CA ARG A 171 -4.22 -15.64 -5.35
C ARG A 171 -3.23 -16.42 -6.20
N THR A 172 -3.02 -17.69 -5.83
CA THR A 172 -2.18 -18.59 -6.61
C THR A 172 -2.85 -18.93 -7.94
N GLY A 173 -2.02 -19.13 -8.96
CA GLY A 173 -2.50 -19.37 -10.31
C GLY A 173 -2.48 -18.15 -11.21
N TRP A 174 -2.10 -16.99 -10.70
CA TRP A 174 -2.09 -15.75 -11.47
C TRP A 174 -0.68 -15.15 -11.53
N GLU A 175 0.35 -16.00 -11.38
CA GLU A 175 1.72 -15.53 -11.40
C GLU A 175 2.06 -14.85 -12.72
N ARG A 176 1.76 -15.52 -13.84
CA ARG A 176 2.06 -14.92 -15.14
C ARG A 176 1.21 -13.69 -15.38
N PHE A 177 -0.02 -13.70 -14.87
CA PHE A 177 -0.91 -12.55 -15.01
C PHE A 177 -0.36 -11.35 -14.25
N ARG A 178 0.08 -11.55 -13.01
CA ARG A 178 0.68 -10.48 -12.22
C ARG A 178 1.94 -9.91 -12.87
N SER A 179 2.78 -10.78 -13.45
CA SER A 179 3.97 -10.31 -14.13
C SER A 179 3.64 -9.38 -15.28
N ALA A 180 2.63 -9.74 -16.08
CA ALA A 180 2.22 -8.88 -17.18
C ALA A 180 1.68 -7.54 -16.67
N GLN A 181 0.86 -7.57 -15.63
CA GLN A 181 0.39 -6.32 -15.02
C GLN A 181 1.55 -5.44 -14.58
N GLY A 182 2.53 -6.03 -13.89
CA GLY A 182 3.65 -5.24 -13.40
C GLY A 182 4.46 -4.64 -14.53
N CYS A 183 4.63 -5.39 -15.62
CA CYS A 183 5.36 -4.87 -16.77
C CYS A 183 4.63 -3.67 -17.38
N ASP A 184 3.30 -3.74 -17.50
CA ASP A 184 2.53 -2.61 -17.97
C ASP A 184 2.70 -1.41 -17.05
N LEU A 185 2.63 -1.63 -15.74
CA LEU A 185 2.80 -0.53 -14.79
C LEU A 185 4.16 0.12 -14.95
N LEU A 186 5.21 -0.70 -15.03
CA LEU A 186 6.56 -0.17 -15.20
C LEU A 186 6.66 0.62 -16.51
N GLN A 187 6.01 0.13 -17.56
CA GLN A 187 5.99 0.84 -18.83
C GLN A 187 5.37 2.22 -18.69
N ASN A 188 4.26 2.30 -17.97
CA ASN A 188 3.62 3.59 -17.70
C ASN A 188 4.54 4.51 -16.91
N LEU A 189 5.21 3.98 -15.89
CA LEU A 189 6.08 4.82 -15.08
C LEU A 189 7.30 5.29 -15.84
N GLN A 190 7.80 4.47 -16.77
CA GLN A 190 8.86 4.91 -17.68
C GLN A 190 8.44 6.18 -18.40
N ASN A 191 7.21 6.21 -18.91
CA ASN A 191 6.73 7.36 -19.65
C ASN A 191 6.51 8.56 -18.75
N ILE A 192 5.88 8.37 -17.59
CA ILE A 192 5.57 9.50 -16.73
C ILE A 192 6.84 10.14 -16.15
N THR A 193 7.83 9.33 -15.78
CA THR A 193 9.03 9.88 -15.19
C THR A 193 10.09 10.28 -16.22
N GLN A 194 9.74 10.24 -17.50
CA GLN A 194 10.64 10.67 -18.59
C GLN A 194 11.99 9.96 -18.52
N GLY A 195 11.96 8.63 -18.44
CA GLY A 195 13.19 7.87 -18.43
C GLY A 195 14.02 8.07 -17.18
N ALA A 196 13.37 7.98 -16.01
CA ALA A 196 14.00 8.12 -14.70
C ALA A 196 14.58 9.52 -14.47
N LYS A 197 14.09 10.52 -15.23
CA LYS A 197 14.49 11.89 -14.94
C LYS A 197 13.87 12.37 -13.64
N ILE A 198 12.69 11.88 -13.32
CA ILE A 198 11.99 12.24 -12.09
C ILE A 198 12.11 11.07 -11.11
N PRO A 199 12.50 11.31 -9.86
CA PRO A 199 12.59 10.23 -8.87
C PRO A 199 11.23 9.56 -8.68
N LEU A 200 11.24 8.28 -8.32
CA LEU A 200 10.02 7.49 -8.27
C LEU A 200 9.92 6.68 -6.99
N ILE A 201 8.71 6.66 -6.42
CA ILE A 201 8.35 5.78 -5.32
C ILE A 201 7.10 5.02 -5.74
N VAL A 202 7.12 3.70 -5.60
CA VAL A 202 5.96 2.87 -5.94
C VAL A 202 5.53 2.06 -4.72
N CYS A 203 4.31 2.30 -4.27
CA CYS A 203 3.68 1.57 -3.18
C CYS A 203 2.65 0.62 -3.76
N GLY A 204 2.60 -0.61 -3.24
CA GLY A 204 1.52 -1.47 -3.63
C GLY A 204 1.44 -2.75 -2.81
N ASP A 205 0.25 -3.34 -2.83
CA ASP A 205 0.05 -4.74 -2.50
C ASP A 205 0.19 -5.48 -3.83
N PHE A 206 1.32 -6.15 -4.02
CA PHE A 206 1.56 -6.82 -5.29
C PHE A 206 0.96 -8.22 -5.32
N ASN A 207 0.44 -8.70 -4.18
CA ASN A 207 -0.14 -10.03 -4.08
C ASN A 207 0.84 -11.09 -4.56
N ALA A 208 2.13 -10.84 -4.32
CA ALA A 208 3.19 -11.72 -4.79
C ALA A 208 4.34 -11.69 -3.81
N GLU A 209 4.86 -12.87 -3.50
CA GLU A 209 6.05 -13.02 -2.67
C GLU A 209 7.29 -12.72 -3.51
N PRO A 210 8.44 -12.51 -2.87
CA PRO A 210 9.64 -12.10 -3.64
C PRO A 210 10.12 -13.13 -4.64
N THR A 211 9.60 -14.36 -4.58
CA THR A 211 9.99 -15.40 -5.54
C THR A 211 9.25 -15.28 -6.87
N GLU A 212 8.25 -14.42 -6.98
CA GLU A 212 7.46 -14.31 -8.19
C GLU A 212 8.15 -13.46 -9.26
N GLU A 213 7.81 -13.75 -10.52
CA GLU A 213 8.36 -13.01 -11.65
C GLU A 213 8.11 -11.50 -11.55
N VAL A 214 6.94 -11.09 -11.02
CA VAL A 214 6.64 -9.67 -10.98
C VAL A 214 7.62 -8.92 -10.06
N TYR A 215 8.04 -9.57 -8.96
CA TYR A 215 9.03 -8.94 -8.09
C TYR A 215 10.36 -8.77 -8.81
N LYS A 216 10.79 -9.82 -9.53
CA LYS A 216 12.06 -9.76 -10.22
C LYS A 216 12.08 -8.69 -11.30
N HIS A 217 10.95 -8.49 -11.98
CA HIS A 217 10.88 -7.42 -12.98
C HIS A 217 11.09 -6.05 -12.34
N PHE A 218 10.45 -5.80 -11.19
CA PHE A 218 10.68 -4.55 -10.49
C PHE A 218 12.12 -4.44 -9.99
N ALA A 219 12.66 -5.55 -9.48
CA ALA A 219 14.02 -5.53 -8.95
C ALA A 219 15.08 -5.38 -10.04
N SER A 220 14.78 -5.77 -11.28
CA SER A 220 15.72 -5.65 -12.38
C SER A 220 15.34 -4.57 -13.38
N SER A 221 14.30 -3.80 -13.10
CA SER A 221 13.90 -2.71 -13.99
C SER A 221 15.02 -1.68 -14.12
N SER A 222 15.12 -1.09 -15.32
CA SER A 222 16.10 -0.03 -15.55
C SER A 222 15.76 1.24 -14.79
N LEU A 223 14.63 1.29 -14.11
CA LEU A 223 14.29 2.38 -13.22
C LEU A 223 15.14 2.39 -11.96
N ASN A 224 15.89 1.30 -11.71
CA ASN A 224 16.84 1.21 -10.60
C ASN A 224 16.11 1.39 -9.26
N LEU A 225 15.15 0.51 -9.04
CA LEU A 225 14.32 0.55 -7.84
C LEU A 225 14.86 -0.43 -6.81
N ASN A 226 14.83 0.00 -5.55
CA ASN A 226 15.06 -0.86 -4.41
C ASN A 226 13.78 -0.98 -3.60
N SER A 227 13.71 -2.02 -2.76
CA SER A 227 12.57 -2.25 -1.89
C SER A 227 12.94 -1.79 -0.48
N ALA A 228 12.19 -0.82 0.04
CA ALA A 228 12.62 -0.13 1.25
C ALA A 228 12.68 -1.06 2.46
N TYR A 229 11.70 -1.97 2.58
CA TYR A 229 11.62 -2.79 3.77
C TYR A 229 12.69 -3.88 3.84
N LYS A 230 13.47 -4.07 2.77
CA LYS A 230 14.64 -4.95 2.89
C LYS A 230 15.62 -4.42 3.94
N LEU A 231 15.62 -3.11 4.17
CA LEU A 231 16.56 -2.48 5.08
C LEU A 231 16.31 -2.80 6.55
N LEU A 232 15.17 -3.43 6.87
CA LEU A 232 14.94 -3.90 8.24
C LEU A 232 15.79 -5.12 8.57
N SER A 233 16.25 -5.85 7.58
CA SER A 233 17.04 -7.04 7.81
C SER A 233 18.48 -6.66 8.16
N ALA A 234 19.18 -7.61 8.78
CA ALA A 234 20.54 -7.36 9.26
C ALA A 234 21.43 -6.78 8.17
N ASP A 235 21.52 -7.46 7.03
CA ASP A 235 22.40 -7.01 5.96
C ASP A 235 21.68 -6.12 4.95
N GLY A 236 20.37 -5.92 5.11
CA GLY A 236 19.59 -5.13 4.17
C GLY A 236 19.28 -5.81 2.86
N GLN A 237 19.50 -7.12 2.76
CA GLN A 237 19.37 -7.85 1.51
C GLN A 237 18.14 -8.74 1.43
N SER A 238 17.35 -8.82 2.50
CA SER A 238 16.20 -9.71 2.58
C SER A 238 14.91 -8.95 2.84
N GLU A 239 13.85 -9.34 2.14
CA GLU A 239 12.54 -8.79 2.39
C GLU A 239 12.06 -9.28 3.76
N PRO A 240 11.11 -8.56 4.37
CA PRO A 240 10.61 -8.98 5.69
C PRO A 240 9.93 -10.34 5.64
N PRO A 241 9.82 -11.03 6.77
CA PRO A 241 9.19 -12.35 6.77
C PRO A 241 7.71 -12.30 6.43
N TYR A 242 7.04 -11.18 6.69
CA TYR A 242 5.63 -11.06 6.35
C TYR A 242 5.24 -9.59 6.31
N THR A 243 4.17 -9.32 5.57
CA THR A 243 3.45 -8.06 5.65
C THR A 243 1.97 -8.28 5.91
N THR A 244 1.48 -9.51 5.81
CA THR A 244 0.10 -9.88 6.11
C THR A 244 0.11 -11.22 6.83
N TRP A 245 -0.80 -11.38 7.79
CA TRP A 245 -0.82 -12.56 8.65
C TRP A 245 -2.24 -12.75 9.17
N LYS A 246 -2.91 -13.81 8.74
CA LYS A 246 -4.29 -14.05 9.17
C LYS A 246 -4.61 -15.54 9.10
N ILE A 247 -5.82 -15.88 9.54
CA ILE A 247 -6.31 -17.26 9.56
C ILE A 247 -7.61 -17.33 8.79
N ARG A 248 -7.62 -18.14 7.74
CA ARG A 248 -8.80 -18.36 6.90
C ARG A 248 -9.30 -19.78 7.11
N THR A 249 -10.47 -20.07 6.52
CA THR A 249 -10.95 -21.45 6.47
C THR A 249 -9.91 -22.35 5.82
N SER A 250 -9.21 -21.84 4.80
CA SER A 250 -8.17 -22.59 4.10
C SER A 250 -6.94 -22.84 4.95
N GLY A 251 -6.72 -22.04 6.00
CA GLY A 251 -5.54 -22.21 6.82
C GLY A 251 -4.88 -20.89 7.16
N GLU A 252 -3.79 -20.94 7.91
CA GLU A 252 -3.07 -19.72 8.29
C GLU A 252 -2.20 -19.24 7.13
N CYS A 253 -2.33 -17.96 6.80
CA CYS A 253 -1.58 -17.35 5.71
C CYS A 253 -0.63 -16.31 6.29
N ARG A 254 0.66 -16.51 6.05
CA ARG A 254 1.71 -15.60 6.51
C ARG A 254 2.74 -15.40 5.40
N HIS A 255 2.69 -14.23 4.74
CA HIS A 255 3.64 -14.01 3.67
C HIS A 255 3.83 -12.50 3.44
N THR A 256 4.71 -12.18 2.50
CA THR A 256 5.06 -10.81 2.14
C THR A 256 4.50 -10.46 0.77
N LEU A 257 3.56 -9.50 0.75
CA LEU A 257 2.89 -9.11 -0.47
C LEU A 257 2.98 -7.60 -0.71
N ASP A 258 3.35 -6.82 0.31
CA ASP A 258 3.36 -5.36 0.25
C ASP A 258 4.79 -4.87 0.09
N TYR A 259 4.97 -3.83 -0.73
CA TYR A 259 6.29 -3.30 -1.01
C TYR A 259 6.22 -1.79 -1.17
N ILE A 260 7.31 -1.12 -0.82
CA ILE A 260 7.55 0.27 -1.22
C ILE A 260 8.84 0.29 -2.03
N TRP A 261 8.72 0.50 -3.34
CA TRP A 261 9.87 0.60 -4.21
C TRP A 261 10.29 2.06 -4.32
N TYR A 262 11.60 2.28 -4.48
CA TYR A 262 12.12 3.63 -4.57
C TYR A 262 13.37 3.67 -5.43
N SER A 263 13.59 4.82 -6.06
CA SER A 263 14.77 5.06 -6.88
C SER A 263 16.04 4.98 -6.04
N LYS A 264 16.81 3.91 -6.23
CA LYS A 264 17.96 3.67 -5.35
C LYS A 264 19.01 4.77 -5.47
N HIS A 265 19.11 5.42 -6.64
CA HIS A 265 20.15 6.41 -6.86
C HIS A 265 19.72 7.83 -6.52
N ALA A 266 18.43 8.06 -6.25
CA ALA A 266 17.91 9.40 -6.06
C ALA A 266 17.28 9.62 -4.71
N LEU A 267 16.89 8.56 -4.01
CA LEU A 267 16.23 8.65 -2.72
C LEU A 267 16.96 7.80 -1.69
N ASN A 268 17.01 8.29 -0.46
CA ASN A 268 17.57 7.55 0.66
C ASN A 268 16.46 7.20 1.63
N VAL A 269 16.49 5.98 2.16
CA VAL A 269 15.55 5.58 3.19
C VAL A 269 16.16 5.95 4.54
N ARG A 270 15.44 6.75 5.31
CA ARG A 270 15.93 7.24 6.59
C ARG A 270 15.41 6.41 7.75
N SER A 271 14.25 5.79 7.60
CA SER A 271 13.62 5.00 8.65
C SER A 271 12.62 4.05 8.02
N ALA A 272 12.26 3.01 8.78
CA ALA A 272 11.20 2.09 8.39
C ALA A 272 10.49 1.59 9.64
N LEU A 273 9.16 1.48 9.55
CA LEU A 273 8.35 1.03 10.67
C LEU A 273 8.41 -0.49 10.79
N ASP A 274 8.91 -0.97 11.92
CA ASP A 274 9.20 -2.39 12.10
C ASP A 274 7.91 -3.20 12.21
N LEU A 275 8.07 -4.52 12.14
CA LEU A 275 6.96 -5.46 12.17
C LEU A 275 6.63 -5.90 13.59
N LEU A 276 5.52 -6.59 13.73
CA LEU A 276 5.15 -7.18 15.01
C LEU A 276 5.84 -8.53 15.17
N THR A 277 6.19 -8.86 16.41
CA THR A 277 6.72 -10.19 16.68
C THR A 277 5.57 -11.19 16.77
N GLU A 278 5.92 -12.48 16.77
CA GLU A 278 4.90 -13.51 16.86
C GLU A 278 4.15 -13.39 18.19
N GLU A 279 4.86 -13.06 19.26
CA GLU A 279 4.23 -12.87 20.58
C GLU A 279 3.32 -11.65 20.61
N GLN A 280 3.75 -10.55 19.98
CA GLN A 280 2.97 -9.32 19.99
C GLN A 280 1.68 -9.40 19.19
N ILE A 281 1.68 -10.16 18.09
CA ILE A 281 0.52 -10.14 17.19
C ILE A 281 -0.64 -10.92 17.78
N GLY A 282 -0.38 -11.93 18.62
CA GLY A 282 -1.45 -12.66 19.24
C GLY A 282 -1.83 -13.93 18.50
N PRO A 283 -2.38 -14.90 19.24
CA PRO A 283 -2.72 -16.19 18.61
C PRO A 283 -3.77 -16.07 17.52
N ASN A 284 -4.66 -15.09 17.58
CA ASN A 284 -5.70 -14.95 16.57
C ASN A 284 -5.27 -14.14 15.36
N ARG A 285 -4.03 -13.65 15.35
CA ARG A 285 -3.41 -12.94 14.22
C ARG A 285 -4.29 -11.71 13.91
N LEU A 286 -4.26 -11.25 12.65
CA LEU A 286 -4.96 -10.05 12.21
C LEU A 286 -6.11 -10.45 11.28
N PRO A 287 -7.16 -9.61 11.18
CA PRO A 287 -7.41 -8.44 12.01
C PRO A 287 -7.87 -8.84 13.40
N SER A 288 -8.14 -7.87 14.25
CA SER A 288 -8.45 -8.15 15.65
C SER A 288 -9.23 -6.97 16.21
N PHE A 289 -9.52 -7.05 17.51
CA PHE A 289 -10.22 -5.95 18.17
C PHE A 289 -9.39 -4.67 18.12
N ASN A 290 -8.07 -4.78 18.03
CA ASN A 290 -7.18 -3.62 18.06
C ASN A 290 -6.48 -3.34 16.74
N TYR A 291 -6.81 -4.05 15.66
CA TYR A 291 -6.22 -3.70 14.37
C TYR A 291 -7.16 -4.05 13.23
N PRO A 292 -7.39 -3.13 12.29
CA PRO A 292 -8.53 -3.27 11.37
C PRO A 292 -8.25 -4.01 10.07
N SER A 293 -7.00 -4.36 9.77
CA SER A 293 -6.66 -5.01 8.50
C SER A 293 -5.85 -6.27 8.74
N ASP A 294 -5.87 -7.16 7.75
CA ASP A 294 -4.98 -8.31 7.73
C ASP A 294 -3.59 -7.98 7.21
N HIS A 295 -3.37 -6.77 6.69
CA HIS A 295 -2.04 -6.30 6.30
C HIS A 295 -1.57 -5.25 7.29
N LEU A 296 -0.28 -5.31 7.65
CA LEU A 296 0.35 -4.21 8.39
C LEU A 296 0.66 -3.03 7.46
N SER A 297 0.54 -1.83 8.03
CA SER A 297 0.98 -0.63 7.36
C SER A 297 2.50 -0.59 7.24
N LEU A 298 2.99 -0.22 6.06
CA LEU A 298 4.41 0.02 5.83
C LEU A 298 4.65 1.52 5.78
N VAL A 299 5.62 2.00 6.56
CA VAL A 299 5.88 3.44 6.69
C VAL A 299 7.38 3.67 6.61
N CYS A 300 7.80 4.55 5.71
CA CYS A 300 9.21 4.88 5.51
C CYS A 300 9.37 6.39 5.39
N ASP A 301 10.46 6.91 5.94
CA ASP A 301 10.88 8.28 5.71
C ASP A 301 11.94 8.31 4.61
N PHE A 302 11.74 9.17 3.61
CA PHE A 302 12.69 9.34 2.53
C PHE A 302 13.29 10.75 2.54
N SER A 303 14.53 10.86 2.05
CA SER A 303 15.12 12.16 1.75
C SER A 303 15.80 12.11 0.38
N PHE A 304 15.87 13.27 -0.27
CA PHE A 304 16.57 13.40 -1.53
C PHE A 304 18.08 13.33 -1.34
N THR A 305 18.75 12.60 -2.24
CA THR A 305 20.21 12.54 -2.20
C THR A 305 20.82 13.89 -2.53
N GLU A 306 21.71 14.36 -1.66
CA GLU A 306 22.37 15.66 -1.82
C GLU A 306 21.37 16.80 -1.99
#